data_3ZSU
#
_entry.id   3ZSU
#
_cell.length_a   47.165
_cell.length_b   47.165
_cell.length_c   106.700
_cell.angle_alpha   90.00
_cell.angle_beta   90.00
_cell.angle_gamma   120.00
#
_symmetry.space_group_name_H-M   'P 31 2 1'
#
loop_
_entity.id
_entity.type
_entity.pdbx_description
1 polymer 'TLL2057 PROTEIN'
2 non-polymer 'SULFATE ION'
3 water water
#
_entity_poly.entity_id   1
_entity_poly.type   'polypeptide(L)'
_entity_poly.pdbx_seq_one_letter_code
;GSGGPSATTPPPPTYSELQITRIQDYLRDIEKNAERFADLEVSVAKGDWQEARNIMRGPLGEMLMDMRALNRNLLAKDQP
TPTALTRALTDDFLKIDQGADLDSVTVAQEGFREAEADFKAYLNSLPELS
;
_entity_poly.pdbx_strand_id   A
#
# COMPACT_ATOMS: atom_id res chain seq x y z
N PRO A 12 23.26 21.23 0.86
CA PRO A 12 22.52 20.09 1.42
C PRO A 12 21.04 20.04 0.89
N PRO A 13 20.64 18.88 0.33
CA PRO A 13 19.34 18.78 -0.37
C PRO A 13 18.14 19.17 0.46
N THR A 14 17.23 19.91 -0.15
CA THR A 14 15.96 20.21 0.49
C THR A 14 14.87 19.93 -0.56
N TYR A 15 13.65 19.77 -0.11
CA TYR A 15 12.52 19.56 -0.98
C TYR A 15 12.19 20.82 -1.76
N SER A 16 11.95 20.66 -3.05
CA SER A 16 11.41 21.78 -3.87
C SER A 16 9.93 21.93 -3.75
N GLU A 17 9.39 23.07 -4.16
CA GLU A 17 7.92 23.27 -4.16
C GLU A 17 7.20 22.25 -5.01
N LEU A 18 7.81 21.90 -6.12
CA LEU A 18 7.22 20.93 -6.98
C LEU A 18 7.14 19.58 -6.29
N GLN A 19 8.24 19.16 -5.67
CA GLN A 19 8.19 17.86 -4.99
C GLN A 19 7.15 17.87 -3.93
N ILE A 20 7.10 18.94 -3.13
CA ILE A 20 6.19 19.03 -2.03
C ILE A 20 4.75 18.93 -2.49
N THR A 21 4.40 19.66 -3.56
CA THR A 21 3.04 19.61 -4.07
C THR A 21 2.67 18.20 -4.63
N ARG A 22 3.61 17.58 -5.33
CA ARG A 22 3.36 16.23 -5.85
C ARG A 22 3.17 15.25 -4.71
N ILE A 23 4.00 15.32 -3.70
CA ILE A 23 3.88 14.44 -2.50
C ILE A 23 2.52 14.59 -1.85
N GLN A 24 2.13 15.84 -1.63
CA GLN A 24 0.85 16.15 -1.05
C GLN A 24 -0.30 15.53 -1.84
N ASP A 25 -0.25 15.64 -3.17
CA ASP A 25 -1.31 15.12 -4.00
C ASP A 25 -1.32 13.57 -4.01
N TYR A 26 -0.17 12.92 -4.16
CA TYR A 26 -0.12 11.49 -4.13
C TYR A 26 -0.57 10.95 -2.79
N LEU A 27 -0.14 11.59 -1.69
CA LEU A 27 -0.54 11.14 -0.33
C LEU A 27 -2.04 11.25 -0.14
N ARG A 28 -2.64 12.27 -0.71
CA ARG A 28 -4.11 12.44 -0.63
C ARG A 28 -4.75 11.23 -1.29
N ASP A 29 -4.29 10.85 -2.45
CA ASP A 29 -4.88 9.79 -3.17
C ASP A 29 -4.63 8.46 -2.50
N ILE A 30 -3.45 8.29 -1.91
CA ILE A 30 -3.09 7.06 -1.20
C ILE A 30 -4.06 6.93 -0.04
N GLU A 31 -4.27 7.99 0.72
CA GLU A 31 -5.09 7.85 1.94
C GLU A 31 -6.55 7.67 1.59
N LYS A 32 -6.98 8.21 0.48
CA LYS A 32 -8.39 8.04 0.06
C LYS A 32 -8.60 6.55 -0.35
N ASN A 33 -7.68 6.03 -1.19
CA ASN A 33 -7.81 4.65 -1.62
C ASN A 33 -7.62 3.68 -0.44
N ALA A 34 -6.80 4.02 0.54
CA ALA A 34 -6.57 3.20 1.74
C ALA A 34 -7.80 2.94 2.55
N GLU A 35 -8.85 3.74 2.35
CA GLU A 35 -10.11 3.49 3.04
C GLU A 35 -10.65 2.11 2.65
N ARG A 36 -10.30 1.64 1.46
CA ARG A 36 -10.80 0.34 1.03
C ARG A 36 -10.09 -0.84 1.66
N PHE A 37 -9.10 -0.63 2.54
CA PHE A 37 -8.62 -1.74 3.36
C PHE A 37 -9.73 -2.39 4.15
N ALA A 38 -10.71 -1.61 4.58
CA ALA A 38 -11.77 -2.17 5.39
C ALA A 38 -12.62 -3.15 4.58
N ASP A 39 -12.99 -2.73 3.37
CA ASP A 39 -13.73 -3.58 2.47
C ASP A 39 -12.94 -4.84 2.09
N LEU A 40 -11.63 -4.72 1.98
CA LEU A 40 -10.83 -5.87 1.64
C LEU A 40 -10.92 -6.85 2.80
N GLU A 41 -10.76 -6.37 4.02
CA GLU A 41 -10.78 -7.27 5.18
C GLU A 41 -12.11 -8.03 5.30
N VAL A 42 -13.22 -7.31 5.09
CA VAL A 42 -14.54 -7.97 5.13
C VAL A 42 -14.66 -9.00 4.02
N SER A 43 -14.26 -8.68 2.79
CA SER A 43 -14.34 -9.62 1.69
C SER A 43 -13.53 -10.86 1.94
N VAL A 44 -12.32 -10.67 2.43
CA VAL A 44 -11.49 -11.79 2.81
C VAL A 44 -12.13 -12.65 3.92
N ALA A 45 -12.72 -12.01 4.91
CA ALA A 45 -13.38 -12.76 6.01
C ALA A 45 -14.50 -13.63 5.51
N LYS A 46 -15.19 -13.19 4.47
CA LYS A 46 -16.32 -13.91 3.87
C LYS A 46 -15.85 -14.93 2.81
N GLY A 47 -14.55 -14.97 2.50
CA GLY A 47 -14.07 -15.81 1.41
C GLY A 47 -14.59 -15.36 0.08
N ASP A 48 -14.93 -14.06 -0.01
CA ASP A 48 -15.39 -13.47 -1.24
C ASP A 48 -14.23 -13.05 -2.07
N TRP A 49 -13.61 -14.02 -2.73
CA TRP A 49 -12.33 -13.84 -3.33
C TRP A 49 -12.40 -12.92 -4.53
N GLN A 50 -13.49 -13.04 -5.26
CA GLN A 50 -13.68 -12.15 -6.43
C GLN A 50 -13.69 -10.69 -5.99
N GLU A 51 -14.38 -10.35 -4.93
CA GLU A 51 -14.39 -8.94 -4.51
C GLU A 51 -13.09 -8.53 -3.88
N ALA A 52 -12.48 -9.39 -3.11
CA ALA A 52 -11.15 -9.14 -2.57
C ALA A 52 -10.13 -8.82 -3.71
N ARG A 53 -10.10 -9.62 -4.77
CA ARG A 53 -9.19 -9.37 -5.91
C ARG A 53 -9.58 -8.08 -6.62
N ASN A 54 -10.86 -7.78 -6.75
CA ASN A 54 -11.30 -6.53 -7.38
C ASN A 54 -10.76 -5.34 -6.59
N ILE A 55 -10.81 -5.44 -5.27
CA ILE A 55 -10.31 -4.35 -4.43
C ILE A 55 -8.82 -4.20 -4.55
N MET A 56 -8.10 -5.30 -4.54
CA MET A 56 -6.66 -5.28 -4.61
C MET A 56 -6.17 -4.77 -5.92
N ARG A 57 -6.84 -5.20 -6.94
CA ARG A 57 -6.48 -4.80 -8.35
C ARG A 57 -6.88 -3.40 -8.66
N GLY A 58 -7.92 -2.88 -8.02
CA GLY A 58 -8.57 -1.59 -8.40
C GLY A 58 -8.04 -0.51 -7.47
N PRO A 59 -8.77 -0.16 -6.42
CA PRO A 59 -8.36 0.97 -5.59
C PRO A 59 -7.02 0.77 -4.92
N LEU A 60 -6.77 -0.43 -4.40
CA LEU A 60 -5.48 -0.61 -3.71
C LEU A 60 -4.38 -0.75 -4.68
N GLY A 61 -4.66 -1.17 -5.90
CA GLY A 61 -3.62 -1.19 -6.93
C GLY A 61 -3.24 0.23 -7.34
N GLU A 62 -4.21 1.10 -7.44
CA GLU A 62 -4.02 2.54 -7.66
C GLU A 62 -3.21 3.13 -6.50
N MET A 63 -3.54 2.73 -5.27
CA MET A 63 -2.80 3.16 -4.13
C MET A 63 -1.31 2.82 -4.27
N LEU A 64 -1.02 1.59 -4.66
CA LEU A 64 0.40 1.16 -4.84
C LEU A 64 1.08 2.03 -5.93
N MET A 65 0.38 2.30 -7.02
N MET A 65 0.38 2.30 -7.02
CA MET A 65 0.94 3.13 -8.07
CA MET A 65 0.93 3.14 -8.07
C MET A 65 1.25 4.54 -7.54
C MET A 65 1.25 4.55 -7.54
N ASP A 66 0.35 5.05 -6.71
CA ASP A 66 0.52 6.37 -6.09
C ASP A 66 1.72 6.37 -5.11
N MET A 67 1.91 5.29 -4.36
CA MET A 67 3.05 5.15 -3.45
C MET A 67 4.32 5.21 -4.24
N ARG A 68 4.36 4.44 -5.33
CA ARG A 68 5.56 4.41 -6.13
C ARG A 68 5.87 5.78 -6.69
N ALA A 69 4.84 6.50 -7.09
CA ALA A 69 5.01 7.85 -7.65
C ALA A 69 5.51 8.79 -6.56
N LEU A 70 4.93 8.71 -5.39
CA LEU A 70 5.36 9.52 -4.24
C LEU A 70 6.85 9.26 -4.00
N ASN A 71 7.22 8.00 -3.94
CA ASN A 71 8.58 7.59 -3.58
C ASN A 71 9.58 8.21 -4.57
N ARG A 72 9.22 8.25 -5.83
CA ARG A 72 10.12 8.82 -6.86
C ARG A 72 10.37 10.27 -6.58
N ASN A 73 9.47 10.99 -5.88
CA ASN A 73 9.60 12.40 -5.63
C ASN A 73 10.30 12.71 -4.33
N LEU A 74 10.69 11.70 -3.55
CA LEU A 74 11.44 11.91 -2.36
C LEU A 74 12.88 12.16 -2.61
N LEU A 75 13.52 12.90 -1.70
CA LEU A 75 14.96 13.04 -1.77
C LEU A 75 15.60 11.73 -1.70
N ALA A 76 16.77 11.58 -2.35
CA ALA A 76 17.39 10.26 -2.34
C ALA A 76 17.67 9.73 -0.97
N LYS A 77 18.05 10.55 0.01
CA LYS A 77 18.28 10.03 1.35
C LYS A 77 17.03 9.51 2.06
N ASP A 78 15.84 9.89 1.57
CA ASP A 78 14.56 9.58 2.18
C ASP A 78 13.88 8.42 1.44
N GLN A 79 14.42 7.99 0.34
CA GLN A 79 13.80 6.97 -0.47
C GLN A 79 13.89 5.51 -0.01
N PRO A 80 15.01 5.05 0.59
CA PRO A 80 15.10 3.62 0.88
C PRO A 80 13.93 2.97 1.64
N THR A 81 13.58 3.59 2.75
CA THR A 81 12.60 3.02 3.66
C THR A 81 11.20 2.96 3.02
N PRO A 82 10.67 4.10 2.54
CA PRO A 82 9.35 4.02 1.88
C PRO A 82 9.36 3.04 0.71
N THR A 83 10.42 2.98 -0.11
CA THR A 83 10.50 2.07 -1.22
C THR A 83 10.46 0.63 -0.79
N ALA A 84 11.23 0.33 0.27
CA ALA A 84 11.24 -1.03 0.75
C ALA A 84 9.87 -1.49 1.25
N LEU A 85 9.19 -0.58 1.89
CA LEU A 85 7.89 -0.90 2.46
C LEU A 85 6.82 -1.00 1.39
N THR A 86 6.97 -0.26 0.29
CA THR A 86 6.06 -0.41 -0.86
C THR A 86 6.22 -1.76 -1.50
N ARG A 87 7.45 -2.25 -1.60
N ARG A 87 7.45 -2.24 -1.61
CA ARG A 87 7.69 -3.61 -2.10
CA ARG A 87 7.71 -3.59 -2.13
C ARG A 87 7.12 -4.63 -1.13
C ARG A 87 7.13 -4.63 -1.15
N ALA A 88 7.30 -4.40 0.15
CA ALA A 88 6.73 -5.28 1.19
C ALA A 88 5.20 -5.40 1.02
N LEU A 89 4.54 -4.26 0.85
CA LEU A 89 3.10 -4.23 0.76
C LEU A 89 2.66 -4.97 -0.51
N THR A 90 3.36 -4.72 -1.63
CA THR A 90 3.08 -5.46 -2.90
C THR A 90 3.08 -6.96 -2.70
N ASP A 91 4.12 -7.43 -2.00
CA ASP A 91 4.24 -8.86 -1.67
C ASP A 91 3.16 -9.34 -0.69
N ASP A 92 2.70 -8.48 0.24
CA ASP A 92 1.58 -8.84 1.18
C ASP A 92 0.28 -9.10 0.40
N PHE A 93 0.01 -8.31 -0.62
CA PHE A 93 -1.15 -8.56 -1.48
C PHE A 93 -1.01 -9.90 -2.18
N LEU A 94 0.15 -10.25 -2.65
CA LEU A 94 0.40 -11.56 -3.24
C LEU A 94 0.10 -12.65 -2.23
N LYS A 95 0.41 -12.43 -0.96
CA LYS A 95 0.09 -13.39 0.10
C LYS A 95 -1.42 -13.54 0.31
N ILE A 96 -2.17 -12.45 0.25
CA ILE A 96 -3.58 -12.51 0.24
C ILE A 96 -4.11 -13.35 -0.93
N ASP A 97 -3.58 -13.08 -2.11
CA ASP A 97 -3.96 -13.85 -3.29
C ASP A 97 -3.63 -15.32 -3.16
N GLN A 98 -2.50 -15.65 -2.53
N GLN A 98 -2.49 -15.64 -2.56
CA GLN A 98 -2.16 -17.07 -2.24
CA GLN A 98 -2.20 -17.06 -2.30
C GLN A 98 -3.14 -17.73 -1.29
C GLN A 98 -3.29 -17.63 -1.42
N GLY A 99 -3.64 -16.96 -0.31
CA GLY A 99 -4.74 -17.45 0.54
C GLY A 99 -6.01 -17.70 -0.23
N ALA A 100 -6.37 -16.78 -1.09
CA ALA A 100 -7.54 -16.90 -1.94
C ALA A 100 -7.47 -18.11 -2.85
N ASP A 101 -6.29 -18.35 -3.39
CA ASP A 101 -6.08 -19.52 -4.29
C ASP A 101 -6.24 -20.83 -3.50
N LEU A 102 -5.84 -20.84 -2.22
CA LEU A 102 -5.97 -21.98 -1.30
C LEU A 102 -7.36 -22.06 -0.67
N ASP A 103 -8.21 -21.08 -0.97
CA ASP A 103 -9.52 -20.91 -0.42
C ASP A 103 -9.36 -20.98 1.08
N SER A 104 -8.38 -20.23 1.63
CA SER A 104 -8.18 -20.20 3.04
C SER A 104 -8.29 -18.76 3.60
N VAL A 105 -9.38 -18.49 4.26
CA VAL A 105 -9.51 -17.23 5.05
C VAL A 105 -8.39 -17.06 6.02
N THR A 106 -8.00 -18.08 6.73
CA THR A 106 -6.97 -17.96 7.68
C THR A 106 -5.58 -17.51 7.11
N VAL A 107 -5.19 -18.10 5.98
CA VAL A 107 -3.97 -17.72 5.32
C VAL A 107 -4.05 -16.26 4.76
N ALA A 108 -5.21 -15.97 4.17
CA ALA A 108 -5.46 -14.63 3.58
C ALA A 108 -5.44 -13.58 4.63
N GLN A 109 -5.99 -13.85 5.79
CA GLN A 109 -6.03 -12.81 6.86
C GLN A 109 -4.64 -12.58 7.45
N GLU A 110 -3.73 -13.55 7.47
CA GLU A 110 -2.34 -13.34 7.85
C GLU A 110 -1.71 -12.34 6.83
N GLY A 111 -2.00 -12.50 5.54
CA GLY A 111 -1.53 -11.56 4.54
C GLY A 111 -2.11 -10.16 4.78
N PHE A 112 -3.40 -10.06 5.10
CA PHE A 112 -4.02 -8.80 5.43
C PHE A 112 -3.34 -8.10 6.57
N ARG A 113 -3.09 -8.82 7.69
CA ARG A 113 -2.44 -8.24 8.84
C ARG A 113 -1.04 -7.69 8.48
N GLU A 114 -0.31 -8.42 7.67
CA GLU A 114 1.01 -7.98 7.21
C GLU A 114 0.88 -6.73 6.34
N ALA A 115 -0.15 -6.71 5.49
CA ALA A 115 -0.37 -5.54 4.55
C ALA A 115 -0.70 -4.34 5.38
N GLU A 116 -1.60 -4.43 6.38
CA GLU A 116 -1.99 -3.31 7.21
C GLU A 116 -0.74 -2.79 7.99
N ALA A 117 0.10 -3.70 8.54
CA ALA A 117 1.26 -3.30 9.26
C ALA A 117 2.30 -2.61 8.37
N ASP A 118 2.50 -3.12 7.16
CA ASP A 118 3.43 -2.55 6.18
C ASP A 118 2.94 -1.17 5.75
N PHE A 119 1.63 -1.03 5.55
CA PHE A 119 1.08 0.27 5.10
C PHE A 119 1.23 1.26 6.22
N LYS A 120 0.94 0.94 7.45
CA LYS A 120 1.12 1.87 8.55
C LYS A 120 2.59 2.26 8.68
N ALA A 121 3.49 1.30 8.54
CA ALA A 121 4.93 1.55 8.59
C ALA A 121 5.34 2.52 7.43
N TYR A 122 4.76 2.29 6.27
CA TYR A 122 5.03 3.16 5.10
C TYR A 122 4.67 4.58 5.48
N LEU A 123 3.49 4.84 6.02
CA LEU A 123 3.12 6.24 6.37
C LEU A 123 4.06 6.79 7.40
N ASN A 124 4.46 6.01 8.39
N ASN A 124 4.47 5.98 8.37
CA ASN A 124 5.42 6.48 9.39
CA ASN A 124 5.43 6.43 9.37
C ASN A 124 6.84 6.73 8.88
C ASN A 124 6.76 6.86 8.80
N SER A 125 7.14 6.21 7.67
CA SER A 125 8.45 6.40 7.04
C SER A 125 8.58 7.70 6.21
N LEU A 126 7.46 8.37 5.90
CA LEU A 126 7.46 9.57 5.11
C LEU A 126 8.20 10.66 5.85
N PRO A 127 8.88 11.50 5.07
CA PRO A 127 9.74 12.49 5.67
C PRO A 127 8.99 13.70 6.05
N GLU A 128 9.66 14.44 6.94
CA GLU A 128 9.38 15.84 7.16
C GLU A 128 9.70 16.69 5.86
N LEU A 129 8.78 17.51 5.39
CA LEU A 129 8.98 18.25 4.14
C LEU A 129 9.47 19.73 4.36
#